data_4DAY
#
_entry.id   4DAY
#
_cell.length_a   75.312
_cell.length_b   96.440
_cell.length_c   99.025
_cell.angle_alpha   90.000
_cell.angle_beta   90.000
_cell.angle_gamma   90.000
#
_symmetry.space_group_name_H-M   'I 21 21 21'
#
loop_
_entity.id
_entity.type
_entity.pdbx_description
1 polymer 'RecQ-mediated genome instability protein 1'
2 polymer 'RecQ-mediated genome instability protein 2'
3 polymer 'Fanconi anemia group M protein'
#
loop_
_entity_poly.entity_id
_entity_poly.type
_entity_poly.pdbx_seq_one_letter_code
_entity_poly.pdbx_strand_id
1 'polypeptide(L)'
;GSHMSSENSINLSIAMDLYSPPFVYLSVLMASKPKEVTTVKVKAFIVTLTGNLSSSGGIWSITAKVSDGTAYLDVDFVDE
ILTSLIGFSVPEMKQSKKDPLQYQKFLEGLQKCQRDLIDLCCLMTISFNPSLSKAMVLALQDVNMEHLENLKKRLNK
;
A
2 'polypeptide(L)'
;GSHMAAAADSFSGGPAGVRLPRSPPLKVLAEQLRRDAEGGPGAWRLSRAAAGRGPLDLAAVWMQGRVVMADRGEARLRDP
SGDFSVRGLERVPRGRPCLVPGKYVMVMGVVQACSPEPCLQAVKMTDLSDNPIHESMWELEVEDLHRNIP
;
B
3 'polypeptide(L)' GHMEDIFDCSRDLFSVTFDLGFCSPDSDDEILEHTSD C
#
# COMPACT_ATOMS: atom_id res chain seq x y z
N ILE A 14 1.14 24.37 -13.60
CA ILE A 14 0.71 24.48 -12.16
C ILE A 14 1.01 23.16 -11.41
N ALA A 15 2.13 23.12 -10.66
CA ALA A 15 2.63 21.88 -10.02
C ALA A 15 2.96 21.98 -8.51
N MET A 16 2.51 23.05 -7.85
CA MET A 16 2.55 23.15 -6.39
C MET A 16 1.47 22.25 -5.78
N ASP A 17 1.74 20.95 -5.81
CA ASP A 17 0.84 19.96 -5.25
C ASP A 17 0.89 20.01 -3.71
N LEU A 18 0.94 21.20 -3.12
CA LEU A 18 1.04 21.24 -1.67
C LEU A 18 -0.23 20.68 -1.03
N TYR A 19 -1.37 21.32 -1.32
CA TYR A 19 -2.64 20.94 -0.70
C TYR A 19 -3.71 20.54 -1.71
N SER A 20 -3.35 20.56 -2.99
CA SER A 20 -4.25 20.17 -4.08
C SER A 20 -4.85 18.78 -3.82
N PRO A 21 -6.19 18.71 -3.67
CA PRO A 21 -6.88 17.47 -3.35
C PRO A 21 -6.96 16.59 -4.58
N PRO A 22 -7.21 15.28 -4.40
CA PRO A 22 -7.51 14.57 -3.16
C PRO A 22 -6.30 14.15 -2.34
N PHE A 23 -5.17 13.95 -3.01
CA PHE A 23 -3.91 13.58 -2.36
C PHE A 23 -2.77 14.19 -3.16
N VAL A 24 -1.54 13.94 -2.73
CA VAL A 24 -0.35 14.45 -3.43
C VAL A 24 0.70 13.34 -3.63
N TYR A 25 1.91 13.75 -4.01
CA TYR A 25 2.99 12.81 -4.35
C TYR A 25 4.25 12.99 -3.54
N LEU A 26 4.95 11.89 -3.29
CA LEU A 26 6.19 11.91 -2.51
C LEU A 26 7.35 12.61 -3.22
N SER A 27 7.44 12.43 -4.54
CA SER A 27 8.47 13.08 -5.34
C SER A 27 8.29 14.60 -5.41
N VAL A 28 7.04 15.05 -5.35
CA VAL A 28 6.72 16.47 -5.30
C VAL A 28 7.31 17.07 -4.02
N LEU A 29 7.15 16.35 -2.92
CA LEU A 29 7.65 16.79 -1.63
C LEU A 29 9.18 16.83 -1.61
N MET A 30 9.82 15.75 -2.06
CA MET A 30 11.28 15.71 -2.21
C MET A 30 11.71 16.92 -3.04
N ALA A 31 11.21 17.00 -4.27
CA ALA A 31 11.54 18.08 -5.22
C ALA A 31 11.35 19.48 -4.65
N SER A 32 10.42 19.63 -3.70
CA SER A 32 10.17 20.91 -3.03
C SER A 32 11.19 21.22 -1.93
N LYS A 33 11.75 20.18 -1.30
CA LYS A 33 12.84 20.32 -0.29
C LYS A 33 12.46 21.21 0.91
N PRO A 34 11.63 20.69 1.82
CA PRO A 34 11.04 21.52 2.86
C PRO A 34 12.00 21.89 3.98
N LYS A 35 11.94 23.15 4.40
CA LYS A 35 12.77 23.71 5.47
C LYS A 35 12.48 23.05 6.82
N GLU A 36 11.20 22.85 7.13
CA GLU A 36 10.81 22.21 8.39
C GLU A 36 9.84 21.05 8.22
N VAL A 37 9.26 20.59 9.32
CA VAL A 37 8.32 19.47 9.31
C VAL A 37 7.07 19.82 8.49
N THR A 38 6.60 18.86 7.68
CA THR A 38 5.52 19.09 6.70
C THR A 38 4.44 17.99 6.74
N THR A 39 3.21 18.35 6.40
CA THR A 39 2.07 17.41 6.40
C THR A 39 1.46 17.27 5.00
N VAL A 40 1.38 16.03 4.53
CA VAL A 40 0.82 15.69 3.22
C VAL A 40 -0.22 14.56 3.29
N LYS A 41 -0.95 14.36 2.19
CA LYS A 41 -1.71 13.11 2.00
C LYS A 41 -1.21 12.45 0.75
N VAL A 42 -0.71 11.24 0.89
CA VAL A 42 -0.45 10.46 -0.28
C VAL A 42 -1.53 9.39 -0.31
N LYS A 43 -1.78 8.80 -1.47
CA LYS A 43 -2.51 7.53 -1.48
C LYS A 43 -1.50 6.42 -1.74
N ALA A 44 -1.09 5.77 -0.65
CA ALA A 44 0.03 4.83 -0.68
C ALA A 44 -0.36 3.42 -0.30
N PHE A 45 0.57 2.48 -0.53
CA PHE A 45 0.45 1.13 -0.01
C PHE A 45 1.71 0.74 0.72
N ILE A 46 1.57 -0.19 1.67
CA ILE A 46 2.72 -0.68 2.42
C ILE A 46 3.47 -1.66 1.54
N VAL A 47 4.75 -1.43 1.32
CA VAL A 47 5.56 -2.40 0.58
C VAL A 47 5.90 -3.57 1.52
N THR A 48 6.74 -3.31 2.52
CA THR A 48 7.10 -4.34 3.47
C THR A 48 6.94 -3.77 4.87
N LEU A 49 7.14 -4.60 5.89
CA LEU A 49 7.35 -4.09 7.23
C LEU A 49 8.85 -4.14 7.47
N THR A 50 9.45 -3.02 7.89
CA THR A 50 10.90 -3.01 8.08
C THR A 50 11.34 -3.47 9.47
N GLY A 51 10.37 -3.71 10.35
CA GLY A 51 10.72 -4.08 11.71
C GLY A 51 9.65 -4.81 12.50
N ASN A 52 10.05 -5.32 13.67
CA ASN A 52 9.14 -5.98 14.61
C ASN A 52 8.10 -5.00 15.12
N LEU A 53 6.92 -5.51 15.47
CA LEU A 53 5.96 -4.70 16.22
C LEU A 53 6.47 -4.49 17.64
N SER A 54 6.62 -3.24 18.02
CA SER A 54 7.08 -2.88 19.37
C SER A 54 5.92 -2.40 20.25
N SER A 55 6.05 -2.68 21.55
CA SER A 55 5.09 -2.26 22.57
C SER A 55 5.81 -1.50 23.69
N SER A 56 7.05 -1.11 23.40
CA SER A 56 7.90 -0.46 24.38
C SER A 56 7.44 0.98 24.54
N GLY A 57 7.68 1.53 25.72
CA GLY A 57 7.25 2.87 26.06
C GLY A 57 5.77 2.88 26.42
N GLY A 58 5.18 1.71 26.56
CA GLY A 58 3.77 1.60 26.93
C GLY A 58 2.78 1.85 25.79
N ILE A 59 3.30 1.93 24.55
CA ILE A 59 2.49 2.14 23.35
C ILE A 59 2.99 1.29 22.16
N TRP A 60 2.14 1.10 21.14
CA TRP A 60 2.53 0.37 19.93
C TRP A 60 3.36 1.25 18.98
N SER A 61 4.25 0.61 18.24
CA SER A 61 5.02 1.28 17.18
C SER A 61 5.46 0.23 16.17
N ILE A 62 5.61 0.61 14.90
CA ILE A 62 6.14 -0.31 13.90
C ILE A 62 6.69 0.43 12.69
N THR A 63 7.84 -0.01 12.22
CA THR A 63 8.43 0.57 11.01
C THR A 63 8.05 -0.23 9.75
N ALA A 64 7.36 0.44 8.84
CA ALA A 64 7.12 -0.12 7.54
C ALA A 64 7.72 0.79 6.49
N LYS A 65 7.93 0.23 5.30
CA LYS A 65 8.30 1.02 4.14
C LYS A 65 7.10 1.03 3.23
N VAL A 66 6.67 2.24 2.85
CA VAL A 66 5.51 2.42 2.00
C VAL A 66 5.93 3.07 0.68
N SER A 67 4.96 3.27 -0.20
CA SER A 67 5.22 3.85 -1.51
C SER A 67 3.92 4.43 -2.07
N ASP A 68 4.06 5.38 -3.00
CA ASP A 68 2.93 6.02 -3.66
C ASP A 68 3.14 6.07 -5.17
N GLY A 69 4.17 5.36 -5.64
CA GLY A 69 4.43 5.28 -7.07
C GLY A 69 5.50 6.25 -7.53
N THR A 70 5.74 7.30 -6.74
CA THR A 70 6.78 8.28 -7.05
C THR A 70 8.09 8.05 -6.28
N ALA A 71 7.97 7.59 -5.02
CA ALA A 71 9.13 7.32 -4.17
C ALA A 71 8.85 6.15 -3.24
N TYR A 72 9.87 5.75 -2.47
CA TYR A 72 9.67 4.87 -1.31
C TYR A 72 9.82 5.70 -0.03
N LEU A 73 9.21 5.23 1.07
CA LEU A 73 9.29 5.94 2.36
C LEU A 73 9.22 5.02 3.57
N ASP A 74 10.20 5.14 4.46
CA ASP A 74 10.16 4.52 5.78
C ASP A 74 9.24 5.32 6.68
N VAL A 75 8.27 4.64 7.27
CA VAL A 75 7.36 5.28 8.22
C VAL A 75 7.28 4.57 9.56
N ASP A 76 6.99 5.36 10.59
CA ASP A 76 6.64 4.85 11.90
C ASP A 76 5.13 4.98 11.97
N PHE A 77 4.52 4.25 12.89
CA PHE A 77 3.07 4.32 13.03
C PHE A 77 2.66 4.84 14.39
N VAL A 78 1.80 5.85 14.32
CA VAL A 78 1.15 6.43 15.48
C VAL A 78 0.44 5.31 16.22
N ASP A 79 0.79 5.16 17.49
CA ASP A 79 0.11 4.24 18.39
C ASP A 79 -1.42 4.18 18.24
N GLU A 80 -2.06 5.34 18.01
CA GLU A 80 -3.51 5.43 17.72
C GLU A 80 -4.03 4.50 16.61
N ILE A 81 -3.35 4.48 15.47
CA ILE A 81 -3.70 3.59 14.37
C ILE A 81 -3.66 2.13 14.83
N LEU A 82 -2.53 1.74 15.41
CA LEU A 82 -2.30 0.36 15.78
C LEU A 82 -3.35 -0.15 16.79
N THR A 83 -3.57 0.61 17.86
CA THR A 83 -4.57 0.25 18.87
C THR A 83 -5.90 -0.09 18.22
N SER A 84 -6.32 0.71 17.25
CA SER A 84 -7.58 0.49 16.54
C SER A 84 -7.53 -0.75 15.66
N LEU A 85 -6.39 -0.97 15.02
CA LEU A 85 -6.19 -2.12 14.12
C LEU A 85 -6.16 -3.44 14.87
N ILE A 86 -5.78 -3.37 16.14
CA ILE A 86 -5.61 -4.53 17.00
C ILE A 86 -6.76 -4.63 17.97
N GLY A 87 -7.45 -3.51 18.18
CA GLY A 87 -8.60 -3.42 19.09
C GLY A 87 -8.18 -3.41 20.53
N PHE A 88 -6.87 -3.42 20.73
CA PHE A 88 -6.26 -3.51 22.04
C PHE A 88 -5.18 -2.45 22.21
N SER A 89 -5.28 -1.72 23.31
CA SER A 89 -4.18 -0.91 23.79
C SER A 89 -3.11 -1.81 24.41
N VAL A 90 -1.95 -1.23 24.66
CA VAL A 90 -0.86 -1.90 25.34
C VAL A 90 -1.30 -2.35 26.77
N PRO A 91 -1.86 -1.41 27.58
CA PRO A 91 -2.38 -1.83 28.89
C PRO A 91 -3.46 -2.92 28.85
N GLU A 92 -4.42 -2.83 27.91
CA GLU A 92 -5.40 -3.91 27.68
C GLU A 92 -4.73 -5.21 27.30
N MET A 93 -3.64 -5.13 26.51
CA MET A 93 -2.81 -6.29 26.24
C MET A 93 -2.30 -6.93 27.54
N LYS A 94 -1.75 -6.11 28.43
CA LYS A 94 -1.26 -6.60 29.72
C LYS A 94 -2.32 -7.41 30.47
N GLN A 95 -3.52 -6.86 30.58
CA GLN A 95 -4.59 -7.54 31.33
C GLN A 95 -5.23 -8.69 30.55
N SER A 96 -5.14 -8.63 29.22
CA SER A 96 -5.60 -9.75 28.43
C SER A 96 -4.76 -11.01 28.75
N LYS A 97 -3.88 -10.90 29.75
CA LYS A 97 -3.16 -12.07 30.22
C LYS A 97 -3.81 -12.71 31.44
N LYS A 98 -4.08 -11.91 32.48
CA LYS A 98 -4.79 -12.37 33.68
C LYS A 98 -5.81 -13.41 33.26
N ASP A 99 -6.61 -13.04 32.27
CA ASP A 99 -7.63 -13.91 31.70
C ASP A 99 -7.14 -14.43 30.35
N PRO A 100 -7.10 -15.77 30.18
CA PRO A 100 -6.63 -16.40 28.94
C PRO A 100 -7.61 -16.24 27.78
N LEU A 101 -8.91 -16.33 28.04
CA LEU A 101 -9.92 -16.08 27.02
C LEU A 101 -9.78 -14.67 26.44
N GLN A 102 -9.32 -13.72 27.25
CA GLN A 102 -9.08 -12.34 26.81
C GLN A 102 -7.83 -12.26 25.93
N TYR A 103 -6.89 -13.16 26.19
CA TYR A 103 -5.65 -13.23 25.45
C TYR A 103 -5.97 -13.73 24.05
N GLN A 104 -6.75 -14.81 24.01
CA GLN A 104 -7.22 -15.38 22.76
C GLN A 104 -7.74 -14.25 21.88
N LYS A 105 -8.63 -13.46 22.44
CA LYS A 105 -9.33 -12.42 21.72
C LYS A 105 -8.33 -11.40 21.18
N PHE A 106 -7.23 -11.22 21.90
CA PHE A 106 -6.12 -10.34 21.48
C PHE A 106 -5.33 -10.98 20.36
N LEU A 107 -4.89 -12.21 20.58
CA LEU A 107 -4.15 -12.95 19.57
C LEU A 107 -4.80 -12.85 18.20
N GLU A 108 -6.14 -12.87 18.18
CA GLU A 108 -6.90 -12.64 16.97
C GLU A 108 -6.65 -11.23 16.47
N GLY A 109 -7.00 -10.24 17.28
CA GLY A 109 -6.80 -8.83 16.92
C GLY A 109 -5.43 -8.58 16.31
N LEU A 110 -4.47 -9.43 16.67
CA LEU A 110 -3.11 -9.29 16.21
C LEU A 110 -2.87 -9.80 14.78
N GLN A 111 -3.34 -11.00 14.45
CA GLN A 111 -3.30 -11.46 13.05
C GLN A 111 -4.36 -10.76 12.22
N LYS A 112 -5.35 -10.16 12.89
CA LYS A 112 -6.32 -9.30 12.24
C LYS A 112 -5.59 -8.03 11.81
N CYS A 113 -4.68 -7.57 12.66
CA CYS A 113 -3.86 -6.41 12.38
C CYS A 113 -2.96 -6.68 11.17
N GLN A 114 -2.33 -7.84 11.17
CA GLN A 114 -1.46 -8.28 10.09
C GLN A 114 -2.17 -8.36 8.77
N ARG A 115 -3.39 -8.91 8.79
CA ARG A 115 -4.27 -8.94 7.63
C ARG A 115 -4.56 -7.54 7.13
N ASP A 116 -4.82 -6.62 8.07
CA ASP A 116 -5.19 -5.25 7.75
C ASP A 116 -4.09 -4.56 6.98
N LEU A 117 -2.87 -4.64 7.50
CA LEU A 117 -1.69 -4.06 6.89
C LEU A 117 -1.31 -4.69 5.56
N ILE A 118 -1.59 -5.97 5.42
CA ILE A 118 -1.39 -6.67 4.14
C ILE A 118 -2.22 -6.00 3.07
N ASP A 119 -3.50 -5.77 3.39
CA ASP A 119 -4.52 -5.30 2.46
C ASP A 119 -4.72 -3.79 2.54
N LEU A 120 -3.78 -3.09 3.16
CA LEU A 120 -3.91 -1.67 3.35
C LEU A 120 -3.37 -0.88 2.16
N CYS A 121 -4.25 -0.05 1.61
CA CYS A 121 -3.94 0.91 0.54
C CYS A 121 -5.01 2.01 0.58
N CYS A 122 -4.58 3.26 0.75
CA CYS A 122 -5.49 4.38 0.98
C CYS A 122 -4.68 5.66 1.19
N LEU A 123 -5.39 6.77 1.44
CA LEU A 123 -4.78 8.06 1.74
C LEU A 123 -4.16 8.02 3.12
N MET A 124 -2.92 8.46 3.21
CA MET A 124 -2.22 8.52 4.48
C MET A 124 -1.80 9.93 4.78
N THR A 125 -2.37 10.49 5.83
CA THR A 125 -1.79 11.69 6.37
C THR A 125 -0.43 11.29 6.94
N ILE A 126 0.60 11.84 6.31
CA ILE A 126 1.99 11.55 6.66
C ILE A 126 2.69 12.82 7.12
N SER A 127 3.44 12.70 8.22
CA SER A 127 4.23 13.80 8.75
C SER A 127 5.71 13.61 8.49
N PHE A 128 6.22 14.31 7.49
CA PHE A 128 7.61 14.16 7.06
C PHE A 128 8.54 15.07 7.84
N ASN A 129 9.54 14.47 8.49
CA ASN A 129 10.68 15.23 9.01
C ASN A 129 11.82 15.18 7.99
N PRO A 130 12.22 16.35 7.45
CA PRO A 130 13.26 16.41 6.43
C PRO A 130 14.67 16.19 6.98
N SER A 131 14.90 16.64 8.21
CA SER A 131 16.22 16.54 8.84
C SER A 131 16.54 15.09 9.21
N LEU A 132 15.87 14.55 10.23
CA LEU A 132 16.07 13.15 10.63
C LEU A 132 15.37 12.16 9.67
N SER A 133 14.98 12.69 8.51
CA SER A 133 14.81 11.95 7.27
C SER A 133 13.62 11.03 7.10
N LYS A 134 13.11 10.45 8.21
CA LYS A 134 11.96 9.52 8.12
C LYS A 134 10.64 10.06 8.71
N ALA A 135 9.54 9.61 8.11
CA ALA A 135 8.21 10.15 8.38
C ALA A 135 7.41 9.28 9.35
N MET A 136 6.18 9.72 9.65
CA MET A 136 5.36 9.09 10.67
C MET A 136 3.88 9.25 10.34
N VAL A 137 3.22 8.12 10.08
CA VAL A 137 1.82 8.11 9.61
C VAL A 137 0.87 8.48 10.73
N LEU A 138 0.02 9.46 10.45
CA LEU A 138 -0.86 10.06 11.48
C LEU A 138 -2.33 9.70 11.34
N ALA A 139 -2.79 9.59 10.10
CA ALA A 139 -4.15 9.15 9.85
C ALA A 139 -4.17 8.29 8.62
N LEU A 140 -5.31 7.64 8.42
CA LEU A 140 -5.52 6.83 7.25
C LEU A 140 -6.92 7.14 6.83
N GLN A 141 -7.04 7.83 5.71
CA GLN A 141 -8.35 8.13 5.16
C GLN A 141 -8.63 7.07 4.11
N ASP A 142 -9.80 6.46 4.17
CA ASP A 142 -10.20 5.48 3.18
C ASP A 142 -10.77 6.20 1.96
N VAL A 143 -10.24 5.91 0.75
CA VAL A 143 -10.56 6.69 -0.48
C VAL A 143 -12.02 6.60 -0.99
N ASN A 144 -12.73 7.74 -0.98
CA ASN A 144 -14.18 7.77 -1.32
C ASN A 144 -14.52 8.51 -2.62
N MET A 145 -15.80 8.60 -2.94
CA MET A 145 -16.23 9.10 -4.26
C MET A 145 -16.02 10.60 -4.42
N GLU A 146 -15.96 11.30 -3.30
CA GLU A 146 -15.66 12.72 -3.27
C GLU A 146 -14.21 12.94 -3.69
N HIS A 147 -13.33 12.04 -3.26
CA HIS A 147 -11.93 12.05 -3.70
C HIS A 147 -11.86 11.78 -5.19
N LEU A 148 -12.70 10.86 -5.66
CA LEU A 148 -12.75 10.50 -7.07
C LEU A 148 -13.05 11.70 -7.94
N GLU A 149 -13.97 12.56 -7.51
CA GLU A 149 -14.37 13.76 -8.29
C GLU A 149 -13.31 14.87 -8.23
N ASN A 150 -12.52 14.86 -7.16
CA ASN A 150 -11.38 15.79 -6.97
C ASN A 150 -10.29 15.59 -8.02
N LEU A 151 -10.18 14.35 -8.48
CA LEU A 151 -9.18 13.98 -9.46
C LEU A 151 -9.72 14.21 -10.87
N LYS A 152 -11.03 14.32 -11.01
CA LYS A 152 -11.60 14.62 -12.30
C LYS A 152 -11.28 16.06 -12.70
N LYS A 153 -11.45 16.97 -11.72
CA LYS A 153 -11.24 18.41 -11.89
C LYS A 153 -9.78 18.78 -12.08
N ARG A 154 -8.92 18.11 -11.32
CA ARG A 154 -7.48 18.27 -11.37
C ARG A 154 -6.94 17.86 -12.74
N LEU A 155 -7.57 16.87 -13.36
CA LEU A 155 -7.26 16.48 -14.74
C LEU A 155 -8.12 17.24 -15.73
N ASN A 156 -8.47 18.48 -15.36
CA ASN A 156 -9.17 19.46 -16.19
C ASN A 156 -10.32 18.90 -17.03
N LYS A 157 -11.23 18.20 -16.35
CA LYS A 157 -12.48 17.70 -16.92
C LYS A 157 -13.66 18.53 -16.41
N ALA B 16 14.95 -4.68 6.65
CA ALA B 16 15.65 -5.70 7.47
C ALA B 16 15.68 -7.09 6.80
N GLY B 17 14.61 -7.88 6.94
CA GLY B 17 14.49 -9.18 6.24
C GLY B 17 13.88 -9.09 4.84
N VAL B 18 14.15 -7.98 4.15
CA VAL B 18 13.48 -7.57 2.91
C VAL B 18 14.45 -7.16 1.79
N ARG B 19 13.98 -7.23 0.54
CA ARG B 19 14.75 -6.73 -0.63
C ARG B 19 13.88 -6.46 -1.87
N LEU B 20 13.93 -5.21 -2.36
CA LEU B 20 13.09 -4.73 -3.48
C LEU B 20 13.82 -3.78 -4.46
N PRO B 21 13.30 -3.64 -5.70
CA PRO B 21 13.95 -2.87 -6.77
C PRO B 21 14.19 -1.40 -6.41
N ARG B 22 15.21 -0.81 -7.01
CA ARG B 22 15.68 0.54 -6.64
C ARG B 22 14.71 1.71 -6.95
N SER B 23 13.91 1.57 -8.00
CA SER B 23 13.01 2.63 -8.40
C SER B 23 11.54 2.26 -8.19
N PRO B 24 10.70 3.27 -7.80
CA PRO B 24 9.34 3.05 -7.30
C PRO B 24 8.40 2.43 -8.33
N PRO B 25 7.47 1.57 -7.86
CA PRO B 25 6.42 0.96 -8.69
C PRO B 25 5.64 2.01 -9.47
N LEU B 26 5.55 1.85 -10.78
CA LEU B 26 4.84 2.84 -11.58
C LEU B 26 3.40 2.43 -11.81
N LYS B 27 2.46 3.37 -11.63
CA LYS B 27 1.07 3.13 -11.96
C LYS B 27 0.96 3.03 -13.47
N VAL B 28 0.68 1.83 -13.97
CA VAL B 28 0.53 1.61 -15.40
C VAL B 28 -0.64 0.70 -15.74
N LEU B 29 -1.16 0.88 -16.94
CA LEU B 29 -2.25 0.06 -17.44
C LEU B 29 -1.69 -1.03 -18.36
N ALA B 30 -2.45 -2.11 -18.52
CA ALA B 30 -2.03 -3.19 -19.41
C ALA B 30 -1.56 -2.63 -20.75
N GLU B 31 -2.44 -1.88 -21.40
CA GLU B 31 -2.16 -1.26 -22.70
C GLU B 31 -0.85 -0.47 -22.71
N GLN B 32 -0.59 0.29 -21.65
CA GLN B 32 0.60 1.15 -21.60
C GLN B 32 1.88 0.34 -21.72
N LEU B 33 1.88 -0.83 -21.09
CA LEU B 33 2.99 -1.76 -21.21
C LEU B 33 2.98 -2.43 -22.55
N ARG B 34 1.81 -2.92 -22.93
CA ARG B 34 1.63 -3.66 -24.17
C ARG B 34 2.04 -2.84 -25.39
N ARG B 35 1.79 -1.54 -25.36
CA ARG B 35 2.22 -0.68 -26.45
C ARG B 35 3.66 -0.20 -26.19
N ASP B 36 3.93 0.33 -25.00
CA ASP B 36 5.29 0.78 -24.62
C ASP B 36 5.91 -0.14 -23.55
N ALA B 59 10.65 -0.76 -14.91
CA ALA B 59 10.89 -2.21 -14.88
C ALA B 59 10.19 -2.85 -13.69
N ALA B 60 9.94 -2.03 -12.66
CA ALA B 60 9.14 -2.38 -11.47
C ALA B 60 7.88 -1.52 -11.37
N VAL B 61 6.71 -2.18 -11.36
CA VAL B 61 5.43 -1.48 -11.56
C VAL B 61 4.31 -1.69 -10.52
N TRP B 62 3.26 -0.90 -10.71
CA TRP B 62 2.08 -0.88 -9.88
C TRP B 62 0.86 -0.99 -10.80
N MET B 63 0.19 -2.13 -10.80
CA MET B 63 -1.02 -2.31 -11.63
C MET B 63 -2.19 -2.88 -10.83
N GLN B 64 -3.40 -2.64 -11.32
CA GLN B 64 -4.60 -3.12 -10.65
C GLN B 64 -5.50 -3.78 -11.65
N GLY B 65 -6.55 -4.44 -11.15
CA GLY B 65 -7.50 -5.12 -12.01
C GLY B 65 -8.30 -6.22 -11.35
N ARG B 66 -9.48 -6.47 -11.91
CA ARG B 66 -10.36 -7.54 -11.46
C ARG B 66 -9.71 -8.86 -11.76
N VAL B 67 -9.97 -9.85 -10.91
CA VAL B 67 -9.42 -11.18 -11.13
C VAL B 67 -10.32 -11.90 -12.11
N VAL B 68 -9.72 -12.33 -13.22
CA VAL B 68 -10.40 -13.08 -14.30
C VAL B 68 -10.23 -14.57 -14.08
N MET B 69 -8.99 -14.98 -13.85
CA MET B 69 -8.67 -16.36 -13.53
C MET B 69 -7.56 -16.44 -12.51
N ALA B 70 -7.70 -17.33 -11.52
CA ALA B 70 -6.67 -17.57 -10.53
C ALA B 70 -6.49 -19.06 -10.39
N ASP B 71 -5.25 -19.52 -10.49
CA ASP B 71 -4.94 -20.92 -10.33
C ASP B 71 -3.53 -21.03 -9.86
N ARG B 72 -3.31 -21.77 -8.78
CA ARG B 72 -1.99 -21.93 -8.19
C ARG B 72 -1.21 -20.61 -8.14
N GLY B 73 0.08 -20.65 -8.52
CA GLY B 73 0.95 -19.48 -8.35
C GLY B 73 0.70 -18.30 -9.28
N GLU B 74 -0.30 -18.43 -10.15
CA GLU B 74 -0.56 -17.46 -11.19
C GLU B 74 -2.02 -17.02 -11.22
N ALA B 75 -2.25 -15.93 -11.95
CA ALA B 75 -3.56 -15.32 -12.12
C ALA B 75 -3.53 -14.30 -13.26
N ARG B 76 -4.67 -14.14 -13.92
CA ARG B 76 -4.83 -13.17 -15.00
C ARG B 76 -5.84 -12.11 -14.59
N LEU B 77 -5.45 -10.84 -14.72
CA LEU B 77 -6.24 -9.74 -14.22
C LEU B 77 -6.84 -8.91 -15.34
N ARG B 78 -7.90 -8.17 -15.02
CA ARG B 78 -8.54 -7.25 -15.95
C ARG B 78 -8.72 -5.84 -15.39
N ASP B 79 -7.96 -4.89 -15.93
CA ASP B 79 -8.19 -3.46 -15.70
C ASP B 79 -8.83 -2.81 -16.97
N PRO B 80 -9.22 -1.51 -16.90
CA PRO B 80 -10.08 -0.94 -17.94
C PRO B 80 -9.43 -0.93 -19.33
N SER B 81 -8.10 -0.93 -19.33
CA SER B 81 -7.29 -1.07 -20.52
C SER B 81 -7.38 -2.49 -21.10
N GLY B 82 -7.16 -3.50 -20.26
CA GLY B 82 -7.19 -4.90 -20.70
C GLY B 82 -6.66 -5.92 -19.70
N ASP B 83 -6.14 -7.04 -20.21
CA ASP B 83 -5.71 -8.17 -19.39
C ASP B 83 -4.21 -8.27 -19.18
N PHE B 84 -3.82 -8.84 -18.05
CA PHE B 84 -2.42 -9.11 -17.77
C PHE B 84 -2.23 -10.27 -16.77
N SER B 85 -1.21 -11.07 -17.02
CA SER B 85 -0.89 -12.22 -16.21
C SER B 85 0.12 -11.83 -15.15
N VAL B 86 0.04 -12.48 -13.99
CA VAL B 86 1.04 -12.37 -12.93
C VAL B 86 1.42 -13.75 -12.43
N ARG B 87 2.71 -13.99 -12.24
CA ARG B 87 3.18 -15.24 -11.64
C ARG B 87 3.88 -14.91 -10.33
N GLY B 88 4.31 -15.93 -9.59
CA GLY B 88 5.07 -15.71 -8.37
C GLY B 88 4.25 -15.33 -7.15
N LEU B 89 2.93 -15.27 -7.28
CA LEU B 89 2.00 -15.15 -6.14
C LEU B 89 2.33 -16.28 -5.20
N GLU B 90 2.91 -17.31 -5.80
CA GLU B 90 3.58 -18.40 -5.12
C GLU B 90 4.20 -17.93 -3.78
N ARG B 91 4.75 -16.70 -3.76
CA ARG B 91 5.64 -16.23 -2.68
C ARG B 91 5.27 -14.85 -2.11
N VAL B 92 4.05 -14.39 -2.29
CA VAL B 92 3.69 -13.10 -1.71
C VAL B 92 2.82 -13.31 -0.48
N PRO B 93 2.74 -12.28 0.39
CA PRO B 93 1.91 -12.47 1.57
C PRO B 93 0.44 -12.43 1.19
N ARG B 94 -0.43 -13.07 1.98
CA ARG B 94 -1.86 -12.99 1.72
C ARG B 94 -2.73 -12.77 2.98
N GLY B 95 -3.68 -11.84 2.89
CA GLY B 95 -4.64 -11.59 3.96
C GLY B 95 -5.69 -12.68 4.08
N ARG B 96 -6.37 -12.98 2.97
CA ARG B 96 -7.24 -14.17 2.85
C ARG B 96 -6.45 -15.25 2.13
N PRO B 97 -6.57 -16.51 2.59
CA PRO B 97 -5.86 -17.61 1.94
C PRO B 97 -6.24 -17.86 0.47
N CYS B 98 -7.36 -17.29 0.01
CA CYS B 98 -7.90 -17.63 -1.31
C CYS B 98 -8.10 -16.52 -2.35
N LEU B 99 -7.29 -16.53 -3.41
CA LEU B 99 -7.49 -15.61 -4.53
C LEU B 99 -8.52 -16.13 -5.55
N VAL B 100 -9.67 -15.47 -5.51
CA VAL B 100 -10.87 -15.86 -6.23
C VAL B 100 -11.13 -14.88 -7.40
N PRO B 101 -11.72 -15.37 -8.51
CA PRO B 101 -12.20 -14.47 -9.56
C PRO B 101 -13.31 -13.53 -9.09
N GLY B 102 -13.26 -12.28 -9.53
CA GLY B 102 -14.24 -11.28 -9.09
C GLY B 102 -13.72 -10.33 -8.03
N LYS B 103 -12.61 -10.71 -7.41
CA LYS B 103 -11.88 -9.82 -6.54
C LYS B 103 -11.21 -8.74 -7.37
N TYR B 104 -10.82 -7.65 -6.73
CA TYR B 104 -10.11 -6.55 -7.37
C TYR B 104 -8.86 -6.36 -6.56
N VAL B 105 -7.69 -6.32 -7.19
CA VAL B 105 -6.44 -6.25 -6.43
C VAL B 105 -5.40 -5.37 -7.07
N MET B 106 -4.49 -4.84 -6.25
CA MET B 106 -3.30 -4.15 -6.77
C MET B 106 -2.07 -5.04 -6.66
N VAL B 107 -1.24 -5.00 -7.70
CA VAL B 107 -0.02 -5.78 -7.73
C VAL B 107 1.17 -4.87 -7.90
N MET B 108 2.14 -5.03 -7.01
CA MET B 108 3.46 -4.51 -7.25
C MET B 108 4.26 -5.67 -7.82
N GLY B 109 4.72 -5.51 -9.05
CA GLY B 109 5.41 -6.59 -9.75
C GLY B 109 6.58 -6.12 -10.58
N VAL B 110 7.43 -7.06 -10.95
CA VAL B 110 8.49 -6.79 -11.91
C VAL B 110 7.99 -7.28 -13.27
N VAL B 111 8.12 -6.45 -14.29
CA VAL B 111 7.66 -6.79 -15.64
C VAL B 111 8.40 -8.01 -16.19
N GLN B 112 7.70 -8.87 -16.93
CA GLN B 112 8.31 -10.09 -17.43
C GLN B 112 8.53 -10.10 -18.93
N ALA B 113 7.44 -10.09 -19.71
CA ALA B 113 7.52 -10.19 -21.18
C ALA B 113 6.31 -9.55 -21.89
N CYS B 114 6.30 -8.21 -21.93
CA CYS B 114 5.25 -7.37 -22.56
C CYS B 114 4.51 -8.01 -23.73
N SER B 115 5.24 -8.72 -24.59
CA SER B 115 4.67 -9.44 -25.73
C SER B 115 4.17 -10.84 -25.32
N PRO B 116 3.00 -11.26 -25.87
CA PRO B 116 2.01 -10.48 -26.61
C PRO B 116 0.93 -9.91 -25.68
N GLU B 117 1.02 -10.30 -24.41
CA GLU B 117 0.18 -9.78 -23.36
C GLU B 117 1.07 -9.75 -22.13
N PRO B 118 1.21 -8.59 -21.48
CA PRO B 118 2.19 -8.31 -20.43
C PRO B 118 2.12 -9.26 -19.24
N CYS B 119 3.24 -9.89 -18.92
CA CYS B 119 3.33 -10.74 -17.74
C CYS B 119 4.03 -9.99 -16.63
N LEU B 120 3.67 -10.32 -15.39
CA LEU B 120 4.31 -9.72 -14.24
C LEU B 120 4.90 -10.75 -13.32
N GLN B 121 5.85 -10.32 -12.49
CA GLN B 121 6.44 -11.18 -11.50
C GLN B 121 6.18 -10.53 -10.16
N ALA B 122 5.16 -11.04 -9.48
CA ALA B 122 4.62 -10.42 -8.25
C ALA B 122 5.69 -10.28 -7.17
N VAL B 123 5.83 -9.06 -6.65
CA VAL B 123 6.67 -8.76 -5.48
C VAL B 123 5.76 -8.63 -4.26
N LYS B 124 4.69 -7.86 -4.42
CA LYS B 124 3.64 -7.81 -3.42
C LYS B 124 2.31 -7.47 -4.05
N MET B 125 1.25 -7.87 -3.36
CA MET B 125 -0.08 -7.75 -3.87
C MET B 125 -1.06 -7.41 -2.72
N THR B 126 -2.04 -6.57 -3.03
CA THR B 126 -2.91 -5.95 -2.03
C THR B 126 -4.37 -6.08 -2.47
N ASP B 127 -5.26 -6.47 -1.56
CA ASP B 127 -6.63 -6.67 -1.97
C ASP B 127 -7.51 -5.44 -1.80
N LEU B 128 -8.10 -4.99 -2.89
CA LEU B 128 -8.88 -3.77 -2.85
C LEU B 128 -10.38 -3.99 -2.94
N SER B 129 -10.81 -5.25 -2.94
CA SER B 129 -12.23 -5.60 -3.14
C SER B 129 -13.16 -4.99 -2.11
N ASP B 130 -12.58 -4.58 -0.99
CA ASP B 130 -13.26 -3.92 0.11
C ASP B 130 -13.99 -2.69 -0.38
N ASN B 131 -13.31 -1.93 -1.23
CA ASN B 131 -13.78 -0.61 -1.68
C ASN B 131 -14.10 -0.55 -3.18
N PRO B 132 -15.39 -0.39 -3.53
CA PRO B 132 -15.81 -0.32 -4.91
C PRO B 132 -15.20 0.87 -5.67
N ILE B 133 -14.68 1.85 -4.94
CA ILE B 133 -14.13 3.07 -5.57
C ILE B 133 -12.81 2.81 -6.29
N HIS B 134 -11.94 2.03 -5.66
CA HIS B 134 -10.60 1.82 -6.20
C HIS B 134 -10.64 1.54 -7.68
N GLU B 135 -11.64 0.76 -8.08
CA GLU B 135 -11.84 0.39 -9.48
C GLU B 135 -12.11 1.62 -10.33
N SER B 136 -13.11 2.40 -9.93
CA SER B 136 -13.48 3.65 -10.61
C SER B 136 -12.27 4.58 -10.70
N MET B 137 -11.65 4.81 -9.55
CA MET B 137 -10.51 5.71 -9.40
C MET B 137 -9.30 5.32 -10.21
N TRP B 138 -9.05 4.02 -10.32
CA TRP B 138 -7.78 3.53 -10.83
C TRP B 138 -7.37 4.10 -12.19
N GLU B 139 -8.32 4.21 -13.13
CA GLU B 139 -7.97 4.68 -14.47
C GLU B 139 -7.36 6.06 -14.41
N LEU B 140 -7.91 6.90 -13.54
CA LEU B 140 -7.45 8.26 -13.33
C LEU B 140 -6.14 8.30 -12.55
N GLU B 141 -6.09 7.59 -11.42
CA GLU B 141 -4.85 7.47 -10.63
C GLU B 141 -3.59 7.45 -11.52
N VAL B 142 -3.72 6.81 -12.68
CA VAL B 142 -2.62 6.63 -13.61
C VAL B 142 -2.34 7.91 -14.37
N GLU B 143 -3.37 8.47 -14.98
CA GLU B 143 -3.19 9.71 -15.74
C GLU B 143 -2.52 10.73 -14.85
N ASP B 144 -3.05 10.91 -13.64
CA ASP B 144 -2.57 11.94 -12.71
C ASP B 144 -1.10 11.78 -12.36
N LEU B 145 -0.66 10.54 -12.22
CA LEU B 145 0.74 10.27 -11.96
C LEU B 145 1.58 10.67 -13.15
N HIS B 146 1.09 10.34 -14.35
CA HIS B 146 1.81 10.56 -15.60
C HIS B 146 1.86 12.03 -16.03
N ARG B 147 0.87 12.80 -15.61
CA ARG B 147 0.94 14.25 -15.75
C ARG B 147 2.06 14.77 -14.84
N ASN B 148 2.13 14.24 -13.63
CA ASN B 148 3.03 14.75 -12.58
C ASN B 148 4.48 14.23 -12.56
N ILE B 149 4.87 13.46 -13.57
CA ILE B 149 6.27 13.02 -13.67
C ILE B 149 6.82 13.15 -15.09
N PRO B 150 7.77 14.09 -15.29
CA PRO B 150 8.41 14.27 -16.60
C PRO B 150 9.31 13.08 -17.01
N ASP C 12 6.56 -14.54 23.52
CA ASP C 12 7.71 -13.59 23.66
C ASP C 12 7.88 -12.69 22.43
N LEU C 13 7.87 -13.30 21.24
CA LEU C 13 7.99 -12.55 19.98
C LEU C 13 6.64 -11.98 19.59
N PHE C 14 6.67 -10.77 19.04
CA PHE C 14 5.53 -10.17 18.36
C PHE C 14 5.91 -10.08 16.91
N SER C 15 6.06 -8.84 16.47
CA SER C 15 6.29 -8.51 15.06
C SER C 15 5.31 -9.14 14.11
N VAL C 16 4.04 -8.76 14.19
CA VAL C 16 3.10 -9.21 13.16
C VAL C 16 3.84 -8.77 11.92
N THR C 17 4.51 -9.70 11.25
CA THR C 17 5.36 -9.26 10.16
C THR C 17 4.96 -9.82 8.85
N PHE C 18 4.39 -8.96 8.02
CA PHE C 18 4.38 -9.20 6.61
C PHE C 18 5.59 -8.46 5.99
N ASP C 19 6.30 -9.11 5.08
CA ASP C 19 7.62 -8.65 4.59
C ASP C 19 8.06 -9.40 3.34
N LEU C 20 8.95 -8.84 2.53
CA LEU C 20 9.16 -9.45 1.20
C LEU C 20 10.50 -9.25 0.48
N GLY C 21 10.81 -10.21 -0.41
CA GLY C 21 11.95 -10.09 -1.29
C GLY C 21 11.56 -10.36 -2.74
N PHE C 22 12.53 -10.18 -3.64
CA PHE C 22 12.39 -10.63 -5.03
C PHE C 22 13.68 -11.28 -5.56
N CYS C 23 13.61 -11.79 -6.79
CA CYS C 23 14.73 -12.48 -7.46
C CYS C 23 14.80 -13.96 -7.11
#